data_9O60
#
_entry.id   9O60
#
_cell.length_a   1.00
_cell.length_b   1.00
_cell.length_c   1.00
_cell.angle_alpha   90.00
_cell.angle_beta   90.00
_cell.angle_gamma   90.00
#
_symmetry.space_group_name_H-M   'P 1'
#
loop_
_entity.id
_entity.type
_entity.pdbx_description
1 polymer '1C5H TCR gamma chain'
2 polymer '1C5H TCR delta chain'
#
loop_
_entity_poly.entity_id
_entity_poly.type
_entity_poly.pdbx_seq_one_letter_code
_entity_poly.pdbx_strand_id
1 'polypeptide(L)'
;SSNLEGGTKSVTRPTRSSAEITCDLTVINAFYIHWYLHQEGKAPQRLLYYDVSNSKDVLESGLSPGKYYTHTPRRWSWIL
ILRNLIENDSGVYYCATWDRPSKLFGSGTTLVVTDKQLDADVSPKPTIFLPSIAETKLQKAGTYLCLLEKFFPDVIKIHW
QEKKSNTILGSQEGNTMKTNDTYMKFSWLTVPEESLDKEHRCIVRHENNKNGVDQEIIFPPIKTDVITMDPKDNASG
;
A,b
2 'polypeptide(L)'
;AQKVTQAQSSVSMPVRKAVTLNCLYETSWWSYYIFWYKQLPSKEMIFLIRQGSDEQNAKSGRYSVNFKKAAKSVALTISA
LQLEDSAKYFCALGAPHTYWGISTDLSSWDTRQMFFGTGIKLFVEPRSQPHTKPSVFVMKNGTNVACLVKEFYPKDIRIN
LVSSKKITEFDPAIVISPSGKYNAVKLGKYEDSNSVTCSVQHDNKTVHSTDFEVKTDSTDHVKPKETENTKQPSKSASG
;
a
#
# COMPACT_ATOMS: atom_id res chain seq x y z
N ARG A 13 -20.62 -16.14 21.03
CA ARG A 13 -20.68 -14.93 20.21
C ARG A 13 -22.05 -14.31 20.40
N PRO A 14 -22.13 -12.99 20.62
CA PRO A 14 -23.43 -12.36 20.92
C PRO A 14 -24.38 -12.32 19.75
N THR A 15 -25.60 -11.83 19.99
CA THR A 15 -26.60 -11.70 18.94
C THR A 15 -26.31 -10.47 18.09
N ARG A 16 -27.17 -10.25 17.08
CA ARG A 16 -27.02 -9.14 16.14
C ARG A 16 -25.63 -9.15 15.51
N SER A 17 -25.14 -10.34 15.19
CA SER A 17 -23.76 -10.51 14.79
C SER A 17 -23.72 -11.43 13.58
N SER A 18 -22.52 -11.90 13.26
CA SER A 18 -22.28 -12.77 12.12
C SER A 18 -21.77 -14.11 12.61
N ALA A 19 -22.22 -15.18 11.97
CA ALA A 19 -21.84 -16.54 12.33
C ALA A 19 -21.13 -17.18 11.14
N GLU A 20 -20.01 -17.84 11.41
CA GLU A 20 -19.22 -18.54 10.41
C GLU A 20 -19.37 -20.05 10.64
N ILE A 21 -19.76 -20.77 9.59
CA ILE A 21 -20.09 -22.18 9.65
C ILE A 21 -19.32 -22.89 8.55
N THR A 22 -18.32 -23.67 8.92
CA THR A 22 -17.49 -24.39 7.96
C THR A 22 -17.92 -25.85 7.87
N ALA A 30 -18.53 -31.02 -7.36
CA ALA A 30 -19.83 -30.45 -7.04
C ALA A 30 -19.94 -29.02 -7.55
N PHE A 31 -21.07 -28.72 -8.18
CA PHE A 31 -21.34 -27.39 -8.72
C PHE A 31 -22.14 -26.52 -7.77
N TYR A 32 -23.09 -27.10 -7.04
CA TYR A 32 -23.96 -26.38 -6.13
C TYR A 32 -23.77 -26.95 -4.73
N ILE A 33 -23.57 -26.08 -3.75
CA ILE A 33 -23.42 -26.50 -2.36
C ILE A 33 -24.59 -25.93 -1.57
N HIS A 34 -25.33 -26.82 -0.89
CA HIS A 34 -26.55 -26.45 -0.19
C HIS A 34 -26.28 -26.40 1.31
N TRP A 35 -27.07 -25.58 2.01
CA TRP A 35 -26.95 -25.43 3.45
C TRP A 35 -28.25 -25.81 4.13
N TYR A 36 -28.15 -26.68 5.12
CA TYR A 36 -29.32 -27.21 5.82
C TYR A 36 -29.28 -26.78 7.28
N LEU A 37 -30.46 -26.52 7.85
CA LEU A 37 -30.58 -26.14 9.24
C LEU A 37 -31.51 -27.11 9.96
N LEU A 47 -31.52 -23.80 3.68
CA LEU A 47 -31.53 -22.35 3.75
C LEU A 47 -31.27 -21.73 2.38
N LEU A 48 -30.21 -22.17 1.72
CA LEU A 48 -29.78 -21.58 0.47
C LEU A 48 -28.85 -22.55 -0.24
N TYR A 49 -28.50 -22.21 -1.48
CA TYR A 49 -27.47 -22.94 -2.20
C TYR A 49 -26.58 -21.96 -2.95
N TYR A 50 -25.28 -22.26 -2.93
CA TYR A 50 -24.26 -21.46 -3.60
C TYR A 50 -23.84 -22.15 -4.89
N ASP A 51 -23.92 -21.42 -5.99
CA ASP A 51 -23.43 -21.88 -7.29
C ASP A 51 -22.03 -21.33 -7.49
N VAL A 52 -21.04 -22.23 -7.49
CA VAL A 52 -19.66 -21.83 -7.65
C VAL A 52 -19.36 -21.34 -9.07
N SER A 53 -20.08 -21.85 -10.07
CA SER A 53 -19.81 -21.48 -11.46
C SER A 53 -19.96 -19.97 -11.66
N ASN A 54 -21.17 -19.46 -11.49
CA ASN A 54 -21.40 -18.02 -11.54
C ASN A 54 -21.27 -17.38 -10.17
N SER A 55 -20.96 -18.16 -9.14
CA SER A 55 -20.69 -17.66 -7.79
C SER A 55 -21.86 -16.83 -7.26
N LYS A 56 -23.01 -17.48 -7.15
CA LYS A 56 -24.24 -16.79 -6.74
C LYS A 56 -24.92 -17.57 -5.61
N ASP A 57 -25.33 -16.84 -4.58
CA ASP A 57 -26.13 -17.42 -3.51
C ASP A 57 -27.60 -17.27 -3.87
N PRO A 65 -32.46 -10.10 1.72
CA PRO A 65 -31.15 -10.06 1.08
C PRO A 65 -30.04 -9.78 2.09
N GLY A 66 -28.91 -10.43 1.89
CA GLY A 66 -27.75 -10.25 2.74
C GLY A 66 -27.74 -11.08 4.01
N LYS A 67 -28.83 -11.82 4.28
CA LYS A 67 -28.89 -12.62 5.49
C LYS A 67 -27.86 -13.74 5.47
N TYR A 68 -27.85 -14.52 4.40
CA TYR A 68 -26.90 -15.63 4.24
C TYR A 68 -25.96 -15.34 3.09
N TYR A 69 -24.70 -15.71 3.26
CA TYR A 69 -23.69 -15.51 2.25
C TYR A 69 -22.78 -16.74 2.28
N THR A 70 -22.21 -17.08 1.13
CA THR A 70 -21.29 -18.20 1.03
C THR A 70 -19.94 -17.69 0.58
N HIS A 71 -18.90 -18.01 1.33
CA HIS A 71 -17.55 -17.54 1.07
C HIS A 71 -16.65 -18.75 0.84
N THR A 72 -15.77 -18.67 -0.15
CA THR A 72 -14.89 -19.78 -0.46
C THR A 72 -13.47 -19.44 -0.05
N PRO A 73 -13.10 -19.66 1.21
CA PRO A 73 -11.77 -19.22 1.67
C PRO A 73 -10.62 -19.95 0.97
N ARG A 74 -10.86 -21.15 0.47
CA ARG A 74 -9.83 -21.94 -0.18
C ARG A 74 -10.44 -22.55 -1.43
N ARG A 75 -9.73 -23.50 -2.02
CA ARG A 75 -10.24 -24.26 -3.14
C ARG A 75 -10.99 -25.48 -2.60
N TRP A 76 -12.22 -25.67 -3.06
CA TRP A 76 -13.11 -26.73 -2.58
C TRP A 76 -13.28 -26.64 -1.07
N SER A 77 -13.45 -25.42 -0.57
CA SER A 77 -13.75 -25.17 0.83
C SER A 77 -14.75 -24.04 0.90
N TRP A 78 -15.89 -24.29 1.54
CA TRP A 78 -16.96 -23.31 1.63
C TRP A 78 -17.28 -23.05 3.10
N ILE A 79 -17.63 -21.80 3.39
CA ILE A 79 -18.05 -21.37 4.72
C ILE A 79 -19.28 -20.50 4.57
N LEU A 80 -20.33 -20.81 5.32
CA LEU A 80 -21.53 -19.99 5.36
C LEU A 80 -21.36 -18.89 6.40
N ILE A 81 -21.76 -17.67 6.02
CA ILE A 81 -21.74 -16.52 6.90
C ILE A 81 -23.15 -15.99 7.05
N LEU A 82 -23.57 -15.76 8.29
CA LEU A 82 -24.91 -15.31 8.62
C LEU A 82 -24.82 -13.97 9.33
N ARG A 83 -25.33 -12.93 8.71
CA ARG A 83 -25.32 -11.61 9.32
C ARG A 83 -26.62 -11.35 10.08
N ASN A 84 -26.55 -10.49 11.09
CA ASN A 84 -27.68 -10.16 11.95
C ASN A 84 -28.21 -11.41 12.66
N LEU A 85 -27.35 -11.98 13.50
CA LEU A 85 -27.71 -13.19 14.23
C LEU A 85 -28.90 -12.94 15.14
N TYR A 93 -26.07 -26.73 11.76
CA TYR A 93 -26.01 -26.41 10.35
C TYR A 93 -25.18 -27.45 9.61
N TYR A 94 -25.62 -27.79 8.41
CA TYR A 94 -25.05 -28.90 7.64
C TYR A 94 -24.69 -28.43 6.23
N CYS A 95 -23.53 -28.89 5.77
CA CYS A 95 -23.08 -28.70 4.41
C CYS A 95 -23.53 -29.90 3.58
N ALA A 96 -24.18 -29.64 2.45
CA ALA A 96 -24.76 -30.72 1.66
C ALA A 96 -24.43 -30.51 0.19
N LYS B 3 -16.02 15.82 -7.39
CA LYS B 3 -14.92 15.53 -8.30
C LYS B 3 -13.67 16.32 -7.92
N VAL B 4 -12.51 15.67 -8.05
CA VAL B 4 -11.23 16.28 -7.75
C VAL B 4 -10.35 16.15 -8.99
N THR B 5 -9.68 17.23 -9.36
CA THR B 5 -8.83 17.26 -10.55
C THR B 5 -7.42 17.66 -10.14
N GLN B 6 -6.51 16.68 -10.09
CA GLN B 6 -5.08 16.93 -9.94
C GLN B 6 -4.44 16.71 -11.30
N ALA B 7 -4.38 17.77 -12.09
CA ALA B 7 -3.91 17.65 -13.47
C ALA B 7 -2.44 17.25 -13.53
N GLN B 8 -1.62 17.82 -12.66
CA GLN B 8 -0.18 17.59 -12.69
C GLN B 8 0.20 16.49 -11.71
N SER B 9 0.95 15.51 -12.19
CA SER B 9 1.47 14.43 -11.37
C SER B 9 2.98 14.36 -11.52
N SER B 10 3.61 13.65 -10.60
CA SER B 10 5.05 13.39 -10.64
C SER B 10 5.86 14.70 -10.68
N VAL B 11 5.60 15.58 -9.72
CA VAL B 11 6.37 16.80 -9.60
C VAL B 11 7.66 16.51 -8.84
N SER B 12 8.69 17.30 -9.13
CA SER B 12 10.00 17.11 -8.51
C SER B 12 10.45 18.42 -7.88
N MET B 13 10.91 18.32 -6.63
CA MET B 13 11.39 19.48 -5.89
C MET B 13 12.59 19.06 -5.06
N PRO B 14 13.52 19.96 -4.78
CA PRO B 14 14.66 19.62 -3.94
C PRO B 14 14.28 19.59 -2.46
N VAL B 15 15.20 19.04 -1.66
CA VAL B 15 15.05 19.07 -0.22
C VAL B 15 15.29 20.50 0.28
N ARG B 16 14.59 20.86 1.35
CA ARG B 16 14.64 22.16 2.04
C ARG B 16 13.92 23.26 1.27
N LYS B 17 13.41 22.99 0.08
CA LYS B 17 12.61 23.97 -0.64
C LYS B 17 11.13 23.74 -0.34
N ALA B 18 10.28 24.56 -0.93
CA ALA B 18 8.84 24.48 -0.75
C ALA B 18 8.19 24.12 -2.07
N VAL B 19 7.34 23.10 -2.04
CA VAL B 19 6.65 22.63 -3.23
C VAL B 19 5.16 22.82 -3.03
N THR B 20 4.48 23.33 -4.04
CA THR B 20 3.05 23.58 -3.98
C THR B 20 2.36 22.59 -4.91
N LEU B 21 1.54 21.72 -4.33
CA LEU B 21 0.78 20.72 -5.05
C LEU B 21 -0.58 21.31 -5.38
N ASN B 22 -0.82 21.55 -6.67
CA ASN B 22 -2.03 22.23 -7.12
C ASN B 22 -3.13 21.21 -7.31
N CYS B 23 -4.17 21.29 -6.49
CA CYS B 23 -5.35 20.47 -6.66
C CYS B 23 -6.57 21.36 -6.78
N LEU B 24 -7.43 21.03 -7.73
CA LEU B 24 -8.71 21.69 -7.93
C LEU B 24 -9.82 20.77 -7.42
N TYR B 25 -11.05 21.26 -7.49
CA TYR B 25 -12.18 20.41 -7.18
C TYR B 25 -13.42 20.97 -7.84
N GLU B 26 -14.37 20.08 -8.10
CA GLU B 26 -15.70 20.43 -8.56
C GLU B 26 -16.69 19.98 -7.49
N THR B 27 -17.58 20.87 -7.08
CA THR B 27 -18.48 20.55 -5.99
C THR B 27 -19.80 21.29 -6.17
N SER B 28 -20.85 20.71 -5.56
CA SER B 28 -22.14 21.37 -5.43
C SER B 28 -22.52 21.52 -3.97
N TRP B 29 -21.54 21.49 -3.07
CA TRP B 29 -21.75 21.53 -1.63
C TRP B 29 -21.52 22.94 -1.11
N TRP B 30 -22.46 23.41 -0.29
CA TRP B 30 -22.30 24.73 0.32
C TRP B 30 -21.12 24.77 1.26
N SER B 31 -21.00 23.76 2.12
CA SER B 31 -19.87 23.62 3.03
C SER B 31 -19.25 22.24 2.82
N TYR B 32 -17.93 22.19 2.87
CA TYR B 32 -17.21 20.95 2.64
C TYR B 32 -15.83 21.06 3.26
N TYR B 33 -15.04 20.01 3.11
CA TYR B 33 -13.66 19.99 3.54
C TYR B 33 -12.82 19.35 2.45
N ILE B 34 -11.56 19.77 2.38
CA ILE B 34 -10.57 19.20 1.49
C ILE B 34 -9.45 18.65 2.36
N PHE B 35 -9.11 17.39 2.12
CA PHE B 35 -8.11 16.68 2.88
C PHE B 35 -6.89 16.48 1.99
N TRP B 36 -5.73 16.64 2.57
CA TRP B 36 -4.48 16.35 1.90
C TRP B 36 -3.89 15.15 2.62
N TYR B 37 -3.85 14.03 1.90
CA TYR B 37 -3.23 12.79 2.32
C TYR B 37 -1.93 12.59 1.56
N LYS B 38 -1.07 11.73 2.10
CA LYS B 38 0.04 11.22 1.31
C LYS B 38 0.03 9.71 1.38
N GLN B 39 0.08 9.06 0.23
CA GLN B 39 0.23 7.62 0.12
C GLN B 39 1.71 7.29 0.09
N LEU B 40 2.17 6.56 1.10
CA LEU B 40 3.56 6.17 1.22
C LEU B 40 3.87 5.06 0.24
N PRO B 41 5.16 4.75 0.03
CA PRO B 41 5.50 3.56 -0.76
C PRO B 41 4.87 2.29 -0.21
N SER B 42 4.69 2.20 1.11
CA SER B 42 3.95 1.13 1.75
C SER B 42 2.46 1.25 1.54
N LYS B 43 2.03 2.22 0.73
CA LYS B 43 0.62 2.45 0.41
C LYS B 43 -0.20 2.76 1.65
N GLU B 44 0.45 3.27 2.70
CA GLU B 44 -0.22 3.65 3.93
C GLU B 44 -0.67 5.10 3.77
N MET B 45 -1.94 5.30 3.45
CA MET B 45 -2.47 6.64 3.20
C MET B 45 -2.47 7.43 4.50
N ILE B 46 -1.58 8.42 4.59
CA ILE B 46 -1.39 9.20 5.80
C ILE B 46 -2.06 10.54 5.64
N PHE B 47 -2.90 10.90 6.61
CA PHE B 47 -3.55 12.21 6.60
C PHE B 47 -2.56 13.30 6.95
N LEU B 48 -2.56 14.38 6.16
CA LEU B 48 -1.66 15.50 6.40
C LEU B 48 -2.39 16.74 6.87
N ILE B 49 -3.40 17.20 6.13
CA ILE B 49 -4.04 18.46 6.48
C ILE B 49 -5.51 18.43 6.12
N ARG B 50 -6.29 19.23 6.85
CA ARG B 50 -7.72 19.40 6.62
C ARG B 50 -8.00 20.88 6.44
N GLN B 51 -8.74 21.22 5.40
CA GLN B 51 -9.05 22.61 5.08
C GLN B 51 -10.54 22.72 4.74
N GLY B 52 -11.30 23.36 5.61
CA GLY B 52 -12.72 23.51 5.37
C GLY B 52 -13.03 24.56 4.33
N SER B 53 -14.23 24.45 3.75
CA SER B 53 -14.67 25.44 2.77
C SER B 53 -14.88 26.80 3.41
N ASP B 54 -15.36 26.82 4.65
CA ASP B 54 -15.65 28.05 5.39
C ASP B 54 -14.65 28.25 6.52
N GLU B 55 -13.38 27.95 6.27
CA GLU B 55 -12.33 28.13 7.25
C GLU B 55 -11.20 28.94 6.65
N GLN B 56 -10.35 29.47 7.52
CA GLN B 56 -9.15 30.13 7.06
C GLN B 56 -8.19 29.11 6.48
N ASN B 57 -7.26 29.60 5.65
CA ASN B 57 -6.29 28.74 5.00
C ASN B 57 -5.55 27.90 6.04
N ALA B 58 -5.71 26.59 5.93
CA ALA B 58 -5.25 25.68 6.97
C ALA B 58 -3.73 25.56 7.00
N LYS B 59 -3.22 25.23 8.18
CA LYS B 59 -1.79 25.10 8.40
C LYS B 59 -1.57 24.02 9.45
N SER B 60 -0.56 23.18 9.24
CA SER B 60 -0.29 22.07 10.15
C SER B 60 1.21 21.95 10.40
N GLY B 61 1.85 23.08 10.70
CA GLY B 61 3.29 23.07 10.91
C GLY B 61 4.03 23.26 9.62
N ARG B 62 4.51 22.16 9.04
CA ARG B 62 5.15 22.24 7.74
C ARG B 62 4.12 22.38 6.62
N TYR B 63 2.97 21.75 6.77
CA TYR B 63 1.96 21.77 5.73
C TYR B 63 1.10 23.02 5.85
N SER B 64 0.74 23.56 4.69
CA SER B 64 -0.17 24.69 4.64
C SER B 64 -1.07 24.50 3.43
N VAL B 65 -2.19 25.21 3.42
CA VAL B 65 -3.12 25.16 2.31
C VAL B 65 -3.40 26.58 1.87
N ASN B 66 -3.45 26.80 0.56
CA ASN B 66 -3.83 28.09 0.02
C ASN B 66 -5.19 27.91 -0.62
N PHE B 67 -6.23 27.99 0.20
CA PHE B 67 -7.57 27.68 -0.24
C PHE B 67 -8.19 28.90 -0.90
N LYS B 68 -8.73 28.71 -2.10
CA LYS B 68 -9.42 29.75 -2.84
C LYS B 68 -10.83 29.26 -3.13
N LYS B 69 -11.78 29.65 -2.29
CA LYS B 69 -13.14 29.13 -2.39
C LYS B 69 -13.78 29.47 -3.73
N ALA B 70 -13.59 30.70 -4.20
CA ALA B 70 -14.18 31.08 -5.48
C ALA B 70 -13.46 30.38 -6.64
N ALA B 71 -12.13 30.31 -6.58
CA ALA B 71 -11.37 29.64 -7.63
C ALA B 71 -11.37 28.13 -7.46
N LYS B 72 -11.80 27.63 -6.28
CA LYS B 72 -11.76 26.20 -5.98
C LYS B 72 -10.34 25.66 -6.09
N SER B 73 -9.38 26.47 -5.70
CA SER B 73 -7.97 26.09 -5.64
C SER B 73 -7.59 25.94 -4.17
N VAL B 74 -7.42 24.70 -3.74
CA VAL B 74 -7.16 24.39 -2.34
C VAL B 74 -5.76 23.77 -2.29
N ALA B 75 -4.88 24.28 -3.13
CA ALA B 75 -3.56 23.70 -3.32
C ALA B 75 -2.78 23.61 -2.01
N LEU B 76 -2.13 22.48 -1.79
CA LEU B 76 -1.30 22.30 -0.62
C LEU B 76 0.08 22.87 -0.88
N THR B 77 0.77 23.21 0.20
CA THR B 77 2.14 23.65 0.14
C THR B 77 2.91 22.95 1.25
N ILE B 78 4.03 22.35 0.89
CA ILE B 78 4.94 21.76 1.86
C ILE B 78 6.20 22.62 1.87
N SER B 79 6.59 23.08 3.05
CA SER B 79 7.71 23.97 3.21
C SER B 79 8.83 23.24 3.94
N ALA B 80 10.08 23.53 3.56
CA ALA B 80 11.26 22.94 4.16
C ALA B 80 11.18 21.41 4.11
N LEU B 81 11.11 20.89 2.89
CA LEU B 81 11.02 19.45 2.68
C LEU B 81 12.26 18.76 3.24
N GLN B 82 12.06 17.57 3.81
CA GLN B 82 13.15 16.68 4.12
C GLN B 82 13.10 15.48 3.17
N LEU B 83 14.02 14.54 3.38
CA LEU B 83 14.14 13.41 2.46
C LEU B 83 12.90 12.53 2.51
N GLU B 84 12.38 12.27 3.71
CA GLU B 84 11.21 11.41 3.87
C GLU B 84 9.90 12.17 3.64
N ASP B 85 9.84 12.86 2.50
CA ASP B 85 8.63 13.56 2.09
C ASP B 85 8.10 13.09 0.75
N SER B 86 8.78 12.17 0.08
CA SER B 86 8.36 11.72 -1.23
C SER B 86 7.25 10.67 -1.09
N ALA B 87 6.12 10.94 -1.72
CA ALA B 87 4.95 10.08 -1.63
C ALA B 87 4.02 10.47 -2.76
N LYS B 88 2.84 9.85 -2.81
CA LYS B 88 1.82 10.23 -3.78
C LYS B 88 0.77 11.04 -3.03
N TYR B 89 0.75 12.34 -3.27
CA TYR B 89 -0.07 13.24 -2.46
C TYR B 89 -1.45 13.36 -3.07
N PHE B 90 -2.46 13.05 -2.26
CA PHE B 90 -3.83 12.98 -2.72
C PHE B 90 -4.64 14.14 -2.12
N CYS B 91 -5.29 14.87 -3.00
CA CYS B 91 -6.23 15.90 -2.61
C CYS B 91 -7.62 15.30 -2.70
N ALA B 92 -8.33 15.28 -1.57
CA ALA B 92 -9.58 14.55 -1.44
C ALA B 92 -10.67 15.49 -0.99
N LEU B 93 -11.75 15.57 -1.76
CA LEU B 93 -12.89 16.38 -1.38
C LEU B 93 -13.89 15.51 -0.62
N GLY B 94 -14.16 15.86 0.64
CA GLY B 94 -15.16 15.16 1.41
C GLY B 94 -16.00 16.16 2.18
N ALA B 95 -17.12 15.68 2.71
CA ALA B 95 -17.97 16.48 3.57
C ALA B 95 -18.31 15.70 4.84
N PRO B 96 -17.30 15.33 5.64
CA PRO B 96 -17.60 14.59 6.87
C PRO B 96 -18.46 15.38 7.85
N HIS B 97 -17.95 16.45 8.43
CA HIS B 97 -18.66 17.06 9.55
C HIS B 97 -19.61 18.15 9.07
N THR B 98 -20.43 17.80 8.10
CA THR B 98 -21.30 18.77 7.44
C THR B 98 -22.70 18.19 7.45
N TYR B 99 -23.66 19.00 7.91
CA TYR B 99 -25.03 18.56 8.10
C TYR B 99 -26.02 19.29 7.19
N TRP B 100 -25.61 20.39 6.58
CA TRP B 100 -26.48 21.17 5.72
C TRP B 100 -25.71 21.57 4.48
N GLY B 101 -26.36 21.48 3.32
CA GLY B 101 -25.76 21.90 2.08
C GLY B 101 -25.40 20.79 1.10
N ILE B 102 -25.89 19.58 1.29
CA ILE B 102 -25.66 18.49 0.35
C ILE B 102 -27.02 18.02 -0.14
N SER B 103 -27.06 16.97 -0.96
CA SER B 103 -28.30 16.47 -1.53
C SER B 103 -29.30 16.07 -0.45
N THR B 104 -30.54 15.77 -0.86
CA THR B 104 -31.62 15.45 0.07
C THR B 104 -31.53 14.02 0.60
N ASP B 105 -30.43 13.32 0.38
CA ASP B 105 -30.30 11.96 0.89
C ASP B 105 -30.24 11.96 2.41
N LEU B 106 -30.80 10.91 3.01
CA LEU B 106 -30.86 10.76 4.45
C LEU B 106 -29.55 10.23 5.04
N SER B 107 -28.45 10.29 4.30
CA SER B 107 -27.17 9.85 4.81
C SER B 107 -26.70 10.74 5.95
N SER B 108 -26.09 10.12 6.96
CA SER B 108 -25.70 10.80 8.18
C SER B 108 -24.24 11.25 8.19
N TRP B 109 -23.66 11.51 7.02
CA TRP B 109 -22.31 12.02 6.79
C TRP B 109 -21.25 11.02 7.24
N ASP B 110 -21.65 9.97 7.95
CA ASP B 110 -20.75 8.86 8.21
C ASP B 110 -20.75 7.89 7.03
N THR B 111 -21.75 7.99 6.17
CA THR B 111 -21.88 7.22 4.96
C THR B 111 -21.35 7.96 3.74
N ARG B 112 -20.79 9.14 3.94
CA ARG B 112 -20.31 9.95 2.83
C ARG B 112 -18.90 9.54 2.41
N GLN B 113 -18.70 9.49 1.10
CA GLN B 113 -17.44 9.05 0.52
C GLN B 113 -16.48 10.22 0.38
N MET B 114 -15.20 9.92 0.52
CA MET B 114 -14.14 10.90 0.34
C MET B 114 -13.66 10.82 -1.11
N PHE B 115 -14.06 11.79 -1.92
CA PHE B 115 -13.71 11.78 -3.33
C PHE B 115 -12.25 12.19 -3.52
N PHE B 116 -11.50 11.38 -4.26
CA PHE B 116 -10.07 11.53 -4.38
C PHE B 116 -9.70 12.04 -5.77
N GLY B 117 -8.61 12.79 -5.83
CA GLY B 117 -7.97 13.07 -7.08
C GLY B 117 -6.93 12.02 -7.40
N THR B 118 -6.54 11.97 -8.68
CA THR B 118 -5.65 10.91 -9.13
C THR B 118 -4.26 10.99 -8.51
N GLY B 119 -4.01 11.98 -7.66
CA GLY B 119 -2.77 12.03 -6.91
C GLY B 119 -1.64 12.67 -7.68
N ILE B 120 -0.67 13.17 -6.92
CA ILE B 120 0.56 13.68 -7.49
C ILE B 120 1.72 13.05 -6.73
N LYS B 121 2.58 12.34 -7.44
CA LYS B 121 3.80 11.86 -6.83
C LYS B 121 4.78 13.00 -6.68
N LEU B 122 5.42 13.08 -5.53
CA LEU B 122 6.42 14.11 -5.27
C LEU B 122 7.77 13.46 -5.13
N PHE B 123 8.75 13.92 -5.89
CA PHE B 123 10.12 13.44 -5.77
C PHE B 123 10.96 14.48 -5.06
N VAL B 124 11.49 14.12 -3.90
CA VAL B 124 12.35 14.99 -3.10
C VAL B 124 13.78 14.69 -3.55
N GLU B 125 14.24 15.43 -4.56
CA GLU B 125 15.64 15.35 -4.95
C GLU B 125 16.52 15.96 -3.88
N PRO B 126 17.75 15.46 -3.72
CA PRO B 126 18.69 16.10 -2.82
C PRO B 126 19.13 17.45 -3.36
N ARG B 127 19.56 18.30 -2.42
CA ARG B 127 19.96 19.66 -2.76
C ARG B 127 21.25 19.66 -3.57
N SER B 128 21.43 20.71 -4.36
CA SER B 128 22.65 20.85 -5.15
C SER B 128 23.86 20.93 -4.24
N GLN B 129 24.90 20.20 -4.59
CA GLN B 129 26.09 20.09 -3.76
C GLN B 129 27.25 19.66 -4.65
N PRO B 130 28.49 19.89 -4.21
CA PRO B 130 29.64 19.50 -5.04
C PRO B 130 29.64 18.02 -5.37
N HIS B 131 30.10 17.70 -6.58
CA HIS B 131 30.10 16.32 -7.04
C HIS B 131 31.01 15.46 -6.18
N THR B 132 30.57 14.23 -5.93
CA THR B 132 31.26 13.32 -5.03
C THR B 132 31.68 12.05 -5.79
N LYS B 133 32.90 11.59 -5.52
CA LYS B 133 33.42 10.39 -6.14
C LYS B 133 32.95 9.15 -5.36
N PRO B 134 32.35 8.17 -6.02
CA PRO B 134 31.82 7.01 -5.30
C PRO B 134 32.84 5.90 -5.13
N SER B 135 32.72 5.20 -4.00
CA SER B 135 33.48 3.98 -3.75
C SER B 135 32.66 2.77 -4.19
N VAL B 136 33.33 1.78 -4.77
CA VAL B 136 32.68 0.65 -5.40
C VAL B 136 33.11 -0.63 -4.71
N PHE B 137 32.13 -1.44 -4.32
CA PHE B 137 32.35 -2.80 -3.81
C PHE B 137 31.63 -3.77 -4.73
N VAL B 138 32.35 -4.77 -5.23
CA VAL B 138 31.76 -5.83 -6.04
C VAL B 138 31.53 -7.02 -5.12
N MET B 139 30.32 -7.12 -4.57
CA MET B 139 29.97 -8.20 -3.66
C MET B 139 29.46 -9.40 -4.45
N LYS B 140 30.04 -10.57 -4.20
CA LYS B 140 29.66 -11.79 -4.87
C LYS B 140 29.48 -12.90 -3.84
N ASN B 141 28.34 -13.59 -3.90
CA ASN B 141 28.09 -14.72 -3.02
C ASN B 141 27.07 -15.63 -3.71
N GLY B 142 27.57 -16.71 -4.32
CA GLY B 142 26.70 -17.68 -4.96
C GLY B 142 26.32 -17.33 -6.39
N THR B 143 27.33 -17.11 -7.24
CA THR B 143 27.13 -16.84 -8.66
C THR B 143 26.16 -15.67 -8.85
N ASN B 144 26.42 -14.59 -8.11
CA ASN B 144 25.62 -13.38 -8.21
C ASN B 144 26.53 -12.20 -7.90
N VAL B 145 26.39 -11.13 -8.67
CA VAL B 145 27.26 -9.97 -8.57
C VAL B 145 26.41 -8.74 -8.26
N ALA B 146 26.82 -8.00 -7.23
CA ALA B 146 26.17 -6.75 -6.85
C ALA B 146 27.24 -5.67 -6.75
N CYS B 147 27.09 -4.62 -7.55
CA CYS B 147 28.00 -3.48 -7.55
C CYS B 147 27.41 -2.39 -6.68
N LEU B 148 28.15 -2.00 -5.64
CA LEU B 148 27.79 -0.95 -4.71
C LEU B 148 28.63 0.29 -5.02
N VAL B 149 27.96 1.42 -5.20
CA VAL B 149 28.67 2.67 -5.43
C VAL B 149 28.41 3.66 -4.29
N GLU B 151 27.75 7.40 -2.39
CA GLU B 151 28.38 8.72 -2.40
C GLU B 151 28.69 9.17 -3.82
N PHE B 152 27.64 9.44 -4.61
CA PHE B 152 27.82 9.97 -5.95
C PHE B 152 26.71 10.98 -6.22
N TYR B 153 27.09 12.15 -6.75
CA TYR B 153 26.14 13.23 -7.03
C TYR B 153 26.47 13.84 -8.39
N PRO B 154 25.47 14.04 -9.25
CA PRO B 154 24.04 13.73 -9.09
C PRO B 154 23.74 12.26 -9.33
N LYS B 155 22.46 11.93 -9.58
CA LYS B 155 22.06 10.55 -9.80
C LYS B 155 22.60 9.98 -11.10
N ASP B 156 23.17 10.81 -11.98
CA ASP B 156 23.65 10.36 -13.28
C ASP B 156 24.92 9.52 -13.08
N ILE B 157 24.78 8.20 -13.19
CA ILE B 157 25.91 7.29 -13.15
C ILE B 157 25.62 6.12 -14.07
N ARG B 158 26.67 5.59 -14.68
CA ARG B 158 26.59 4.40 -15.53
C ARG B 158 27.48 3.31 -14.96
N ILE B 159 26.96 2.08 -14.94
CA ILE B 159 27.72 0.94 -14.47
C ILE B 159 27.82 -0.09 -15.59
N LYS B 166 27.65 -13.48 -18.78
CA LYS B 166 26.53 -12.55 -18.63
C LYS B 166 25.19 -13.26 -18.83
N ILE B 167 24.76 -14.01 -17.82
CA ILE B 167 23.48 -14.72 -17.91
C ILE B 167 22.33 -13.72 -17.97
N THR B 168 22.34 -12.75 -17.06
CA THR B 168 21.31 -11.72 -17.03
C THR B 168 21.83 -10.55 -16.23
N GLU B 169 21.47 -9.33 -16.66
CA GLU B 169 21.82 -8.11 -15.95
C GLU B 169 20.53 -7.33 -15.68
N PHE B 170 20.34 -6.95 -14.42
CA PHE B 170 19.13 -6.26 -14.00
C PHE B 170 19.36 -4.76 -13.96
N ASP B 171 18.26 -4.02 -14.01
CA ASP B 171 18.33 -2.57 -13.96
C ASP B 171 18.95 -2.13 -12.64
N PRO B 172 19.98 -1.29 -12.66
CA PRO B 172 20.52 -0.77 -11.40
C PRO B 172 19.50 0.11 -10.70
N ALA B 173 19.55 0.10 -9.38
CA ALA B 173 18.66 0.89 -8.55
C ALA B 173 19.43 2.06 -7.95
N ILE B 174 18.90 3.27 -8.15
CA ILE B 174 19.48 4.50 -7.64
C ILE B 174 18.55 5.04 -6.55
N VAL B 175 19.09 5.27 -5.36
CA VAL B 175 18.32 5.72 -4.21
C VAL B 175 19.01 6.94 -3.60
N ILE B 176 18.23 7.72 -2.86
CA ILE B 176 18.74 8.91 -2.20
C ILE B 176 19.14 8.51 -0.78
N SER B 177 20.45 8.45 -0.54
CA SER B 177 20.96 8.03 0.76
C SER B 177 20.64 9.09 1.81
N PRO B 178 20.53 8.69 3.08
CA PRO B 178 20.32 9.68 4.15
C PRO B 178 21.46 10.67 4.28
N SER B 179 22.59 10.45 3.60
CA SER B 179 23.70 11.40 3.60
C SER B 179 23.48 12.57 2.65
N GLY B 180 22.25 12.77 2.17
CA GLY B 180 21.99 13.86 1.24
C GLY B 180 22.68 13.70 -0.09
N LYS B 181 22.83 12.47 -0.57
CA LYS B 181 23.49 12.19 -1.84
C LYS B 181 22.82 10.95 -2.43
N TYR B 182 23.46 10.32 -3.39
CA TYR B 182 22.91 9.16 -4.05
C TYR B 182 23.75 7.92 -3.78
N ASN B 183 23.08 6.78 -3.75
CA ASN B 183 23.72 5.47 -3.68
C ASN B 183 23.01 4.53 -4.64
N ALA B 184 23.79 3.79 -5.43
CA ALA B 184 23.21 2.90 -6.43
C ALA B 184 23.78 1.51 -6.26
N VAL B 185 22.99 0.52 -6.68
CA VAL B 185 23.41 -0.87 -6.69
C VAL B 185 23.01 -1.47 -8.04
N LYS B 186 23.97 -2.10 -8.71
CA LYS B 186 23.70 -2.82 -9.95
C LYS B 186 23.75 -4.32 -9.67
N LEU B 187 22.69 -5.02 -10.01
CA LEU B 187 22.61 -6.47 -9.80
C LEU B 187 22.70 -7.18 -11.13
N GLY B 188 23.60 -8.16 -11.21
CA GLY B 188 23.77 -8.92 -12.43
C GLY B 188 24.47 -10.24 -12.17
N LYS B 189 24.16 -11.22 -13.00
CA LYS B 189 24.80 -12.54 -12.92
C LYS B 189 26.05 -12.55 -13.80
N TYR B 190 27.02 -11.74 -13.40
CA TYR B 190 28.24 -11.55 -14.19
C TYR B 190 29.22 -12.68 -13.96
N GLU B 191 29.55 -12.97 -12.70
CA GLU B 191 30.49 -14.03 -12.37
C GLU B 191 29.84 -15.40 -12.56
N SER B 199 32.31 -0.60 -14.60
CA SER B 199 33.22 0.00 -13.64
C SER B 199 32.65 1.30 -13.08
N VAL B 200 33.51 2.31 -12.98
CA VAL B 200 33.12 3.61 -12.46
C VAL B 200 33.12 4.62 -13.60
N GLN B 201 32.13 5.52 -13.59
CA GLN B 201 32.05 6.57 -14.59
C GLN B 201 31.72 7.94 -14.00
N HIS B 202 31.52 8.05 -12.69
CA HIS B 202 31.11 9.30 -12.09
C HIS B 202 32.31 10.25 -12.03
N ASP B 203 32.40 11.13 -13.02
CA ASP B 203 33.50 12.09 -13.14
C ASP B 203 34.85 11.39 -13.21
N LYS C 9 -0.81 -7.58 3.62
CA LYS C 9 -0.60 -6.41 2.77
C LYS C 9 -0.71 -6.76 1.30
N SER C 10 -0.60 -8.05 0.99
CA SER C 10 -0.79 -8.55 -0.37
C SER C 10 -1.69 -9.78 -0.34
N VAL C 11 -2.64 -9.84 -1.28
CA VAL C 11 -3.54 -10.98 -1.42
C VAL C 11 -3.54 -11.36 -2.89
N THR C 12 -3.01 -12.54 -3.20
CA THR C 12 -2.90 -13.03 -4.57
C THR C 12 -3.91 -14.14 -4.77
N ARG C 13 -4.84 -13.96 -5.71
CA ARG C 13 -5.91 -14.91 -5.92
C ARG C 13 -6.21 -15.04 -7.41
N PRO C 14 -6.52 -16.24 -7.88
CA PRO C 14 -6.79 -16.42 -9.31
C PRO C 14 -8.10 -15.77 -9.73
N THR C 15 -8.31 -15.70 -11.04
CA THR C 15 -9.59 -15.28 -11.56
C THR C 15 -10.67 -16.31 -11.21
N ARG C 16 -11.91 -15.82 -11.11
CA ARG C 16 -13.06 -16.66 -10.75
C ARG C 16 -12.82 -17.36 -9.42
N SER C 17 -12.43 -16.57 -8.41
CA SER C 17 -12.22 -17.06 -7.07
C SER C 17 -12.75 -16.03 -6.09
N SER C 18 -12.40 -16.18 -4.83
CA SER C 18 -12.82 -15.25 -3.78
C SER C 18 -11.60 -14.73 -3.04
N ALA C 19 -11.54 -13.42 -2.85
CA ALA C 19 -10.43 -12.79 -2.16
C ALA C 19 -10.93 -12.08 -0.90
N GLU C 20 -10.10 -12.08 0.13
CA GLU C 20 -10.43 -11.44 1.39
C GLU C 20 -9.44 -10.32 1.69
N ILE C 21 -9.96 -9.21 2.19
CA ILE C 21 -9.17 -8.06 2.62
C ILE C 21 -9.48 -7.83 4.07
N THR C 22 -8.55 -8.18 4.95
CA THR C 22 -8.60 -7.82 6.35
C THR C 22 -7.64 -6.66 6.60
N CYS C 23 -7.95 -5.86 7.62
CA CYS C 23 -7.17 -4.66 7.84
C CYS C 23 -7.16 -4.32 9.32
N ASP C 24 -6.22 -3.43 9.68
CA ASP C 24 -5.89 -3.14 11.07
C ASP C 24 -6.62 -1.91 11.60
N LEU C 25 -7.82 -1.62 11.08
CA LEU C 25 -8.62 -0.53 11.60
C LEU C 25 -9.13 -0.93 12.99
N THR C 26 -8.52 -0.36 14.02
CA THR C 26 -8.87 -0.67 15.41
C THR C 26 -9.97 0.23 15.95
N VAL C 27 -10.83 0.74 15.09
CA VAL C 27 -11.88 1.65 15.54
C VAL C 27 -12.97 0.86 16.23
N ILE C 28 -13.39 1.35 17.39
CA ILE C 28 -14.34 0.65 18.24
C ILE C 28 -15.76 1.14 18.04
N ASN C 29 -15.96 2.46 18.07
CA ASN C 29 -17.27 3.05 17.92
C ASN C 29 -17.63 3.34 16.47
N ALA C 30 -17.08 2.56 15.53
CA ALA C 30 -17.34 2.79 14.13
C ALA C 30 -18.78 2.43 13.79
N PHE C 31 -19.40 3.24 12.93
CA PHE C 31 -20.74 2.96 12.44
C PHE C 31 -20.78 2.60 10.98
N TYR C 32 -19.82 3.06 10.19
CA TYR C 32 -19.73 2.73 8.78
C TYR C 32 -18.28 2.46 8.43
N ILE C 33 -18.06 1.45 7.59
CA ILE C 33 -16.71 1.07 7.17
C ILE C 33 -16.69 1.07 5.65
N HIS C 34 -16.01 2.05 5.07
CA HIS C 34 -15.94 2.18 3.62
C HIS C 34 -14.76 1.37 3.09
N TRP C 35 -14.92 0.83 1.89
CA TRP C 35 -13.87 0.05 1.26
C TRP C 35 -13.45 0.74 -0.03
N TYR C 36 -12.26 1.35 -0.01
CA TYR C 36 -11.76 2.12 -1.14
C TYR C 36 -10.81 1.25 -1.95
N LEU C 37 -10.90 1.38 -3.27
CA LEU C 37 -10.00 0.71 -4.20
C LEU C 37 -9.15 1.75 -4.90
N HIS C 38 -7.85 1.73 -4.66
CA HIS C 38 -6.89 2.52 -5.41
C HIS C 38 -6.25 1.61 -6.46
N GLN C 39 -6.54 1.87 -7.73
CA GLN C 39 -6.05 1.02 -8.81
C GLN C 39 -4.77 1.56 -9.45
N GLU C 40 -4.01 2.38 -8.73
CA GLU C 40 -2.63 2.73 -9.09
C GLU C 40 -2.55 3.32 -10.50
N GLY C 41 -3.12 4.51 -10.63
CA GLY C 41 -3.19 5.21 -11.89
C GLY C 41 -4.47 6.01 -11.96
N LYS C 42 -5.44 5.62 -11.15
CA LYS C 42 -6.68 6.35 -10.98
C LYS C 42 -6.76 6.84 -9.54
N ALA C 43 -7.87 7.43 -9.20
CA ALA C 43 -8.01 7.86 -7.81
C ALA C 43 -8.54 6.70 -6.96
N PRO C 44 -8.20 6.67 -5.67
CA PRO C 44 -8.85 5.73 -4.77
C PRO C 44 -10.35 5.98 -4.72
N GLN C 45 -11.11 4.94 -5.01
CA GLN C 45 -12.55 5.06 -5.17
C GLN C 45 -13.25 4.05 -4.26
N ARG C 46 -14.38 4.46 -3.70
CA ARG C 46 -15.17 3.57 -2.85
C ARG C 46 -15.91 2.55 -3.70
N LEU C 47 -15.81 1.27 -3.31
CA LEU C 47 -16.68 0.26 -3.89
C LEU C 47 -17.98 0.17 -3.11
N LEU C 48 -17.91 0.25 -1.79
CA LEU C 48 -19.08 0.14 -0.93
C LEU C 48 -18.75 0.74 0.41
N TYR C 49 -19.78 0.86 1.24
CA TYR C 49 -19.58 0.99 2.67
C TYR C 49 -20.49 0.03 3.40
N TYR C 50 -20.01 -0.43 4.55
CA TYR C 50 -20.68 -1.40 5.39
C TYR C 50 -21.28 -0.67 6.60
N ASP C 51 -22.61 -0.68 6.67
CA ASP C 51 -23.34 -0.24 7.85
C ASP C 51 -23.11 -1.24 8.97
N VAL C 52 -22.30 -0.84 9.96
CA VAL C 52 -21.89 -1.77 11.01
C VAL C 52 -23.05 -2.08 11.95
N SER C 53 -23.81 -1.05 12.35
CA SER C 53 -24.88 -1.26 13.31
C SER C 53 -25.98 -2.15 12.72
N ASN C 54 -26.45 -1.81 11.53
CA ASN C 54 -27.46 -2.62 10.86
C ASN C 54 -26.84 -3.73 10.03
N SER C 55 -25.52 -3.73 9.84
CA SER C 55 -24.80 -4.76 9.09
C SER C 55 -25.35 -4.89 7.67
N LYS C 56 -25.22 -3.81 6.91
CA LYS C 56 -25.68 -3.78 5.53
C LYS C 56 -24.54 -3.39 4.61
N ASP C 57 -24.64 -3.76 3.34
CA ASP C 57 -23.65 -3.39 2.34
C ASP C 57 -24.30 -2.44 1.34
N VAL C 58 -23.77 -1.22 1.25
CA VAL C 58 -24.24 -0.23 0.30
C VAL C 58 -23.18 -0.14 -0.79
N LEU C 59 -23.52 -0.66 -1.97
CA LEU C 59 -22.66 -0.61 -3.14
C LEU C 59 -22.89 0.69 -3.90
N GLU C 60 -21.87 1.10 -4.66
CA GLU C 60 -22.02 2.29 -5.48
C GLU C 60 -22.87 1.99 -6.70
N SER C 61 -23.43 3.05 -7.28
CA SER C 61 -24.43 2.91 -8.33
C SER C 61 -23.85 2.20 -9.55
N GLY C 62 -24.69 1.41 -10.20
CA GLY C 62 -24.32 0.69 -11.39
C GLY C 62 -23.66 -0.66 -11.15
N LEU C 63 -23.42 -1.03 -9.90
CA LEU C 63 -22.79 -2.30 -9.59
C LEU C 63 -23.84 -3.40 -9.53
N SER C 64 -23.39 -4.63 -9.21
CA SER C 64 -24.29 -5.75 -9.09
C SER C 64 -24.13 -6.38 -7.71
N PRO C 65 -25.22 -6.83 -7.08
CA PRO C 65 -25.11 -7.46 -5.76
C PRO C 65 -24.34 -8.76 -5.82
N GLY C 66 -23.65 -9.08 -4.74
CA GLY C 66 -22.86 -10.29 -4.65
C GLY C 66 -21.43 -10.15 -5.10
N LYS C 67 -21.07 -9.03 -5.73
CA LYS C 67 -19.68 -8.78 -6.09
C LYS C 67 -18.82 -8.54 -4.86
N TYR C 68 -19.39 -7.95 -3.82
CA TYR C 68 -18.65 -7.55 -2.63
C TYR C 68 -19.46 -7.88 -1.39
N TYR C 69 -18.77 -8.36 -0.35
CA TYR C 69 -19.41 -8.69 0.92
C TYR C 69 -18.53 -8.25 2.07
N THR C 70 -19.14 -7.75 3.13
CA THR C 70 -18.37 -7.33 4.32
C THR C 70 -18.65 -8.29 5.46
N HIS C 71 -17.61 -9.00 5.89
CA HIS C 71 -17.69 -10.04 6.91
C HIS C 71 -17.20 -9.50 8.24
N THR C 72 -17.83 -9.94 9.32
CA THR C 72 -17.47 -9.52 10.66
C THR C 72 -16.89 -10.69 11.44
N PRO C 73 -15.59 -10.98 11.28
CA PRO C 73 -15.02 -12.16 11.96
C PRO C 73 -15.00 -12.04 13.46
N ARG C 74 -14.82 -10.85 14.00
CA ARG C 74 -14.79 -10.64 15.44
C ARG C 74 -15.58 -9.38 15.75
N ARG C 75 -15.42 -8.87 16.96
CA ARG C 75 -16.14 -7.69 17.37
C ARG C 75 -15.19 -6.51 17.10
N TRP C 76 -15.63 -5.54 16.29
CA TRP C 76 -14.72 -4.60 15.62
C TRP C 76 -13.72 -5.33 14.72
N SER C 77 -14.25 -5.99 13.69
CA SER C 77 -13.42 -6.60 12.67
C SER C 77 -14.23 -6.71 11.39
N TRP C 78 -13.59 -6.42 10.26
CA TRP C 78 -14.26 -6.46 8.97
C TRP C 78 -13.34 -7.04 7.92
N ILE C 79 -13.94 -7.64 6.91
CA ILE C 79 -13.19 -8.25 5.81
C ILE C 79 -13.99 -8.05 4.54
N LEU C 80 -13.35 -7.52 3.51
CA LEU C 80 -14.01 -7.38 2.22
C LEU C 80 -13.79 -8.66 1.43
N ILE C 81 -14.88 -9.24 0.94
CA ILE C 81 -14.85 -10.50 0.21
C ILE C 81 -15.29 -10.22 -1.22
N LEU C 82 -14.48 -10.66 -2.17
CA LEU C 82 -14.79 -10.54 -3.60
C LEU C 82 -15.02 -11.93 -4.17
N ARG C 83 -16.17 -12.10 -4.81
CA ARG C 83 -16.47 -13.32 -5.53
C ARG C 83 -16.14 -13.14 -7.01
N ASN C 84 -15.94 -14.26 -7.69
CA ASN C 84 -15.63 -14.34 -9.13
C ASN C 84 -14.66 -13.24 -9.55
N LEU C 85 -13.47 -13.28 -8.95
CA LEU C 85 -12.46 -12.27 -9.19
C LEU C 85 -12.09 -12.17 -10.66
N ILE C 86 -11.91 -10.95 -11.13
CA ILE C 86 -11.37 -10.68 -12.46
C ILE C 86 -10.12 -9.83 -12.28
N GLU C 87 -9.39 -9.63 -13.38
CA GLU C 87 -8.14 -8.89 -13.28
C GLU C 87 -8.38 -7.41 -12.98
N ASN C 88 -9.50 -6.85 -13.48
CA ASN C 88 -9.81 -5.46 -13.17
C ASN C 88 -9.99 -5.23 -11.68
N ASP C 89 -10.37 -6.29 -10.95
CA ASP C 89 -10.54 -6.23 -9.51
C ASP C 89 -9.23 -6.02 -8.77
N SER C 90 -8.10 -6.15 -9.45
CA SER C 90 -6.81 -5.95 -8.81
C SER C 90 -6.61 -4.47 -8.45
N GLY C 91 -5.86 -4.25 -7.38
CA GLY C 91 -5.61 -2.90 -6.91
C GLY C 91 -5.14 -2.94 -5.47
N VAL C 92 -5.37 -1.85 -4.76
CA VAL C 92 -5.15 -1.76 -3.33
C VAL C 92 -6.49 -1.47 -2.69
N TYR C 93 -6.76 -2.12 -1.57
CA TYR C 93 -8.01 -1.96 -0.85
C TYR C 93 -7.74 -1.39 0.52
N TYR C 94 -8.50 -0.37 0.89
CA TYR C 94 -8.44 0.26 2.20
C TYR C 94 -9.79 0.14 2.88
N CYS C 95 -9.76 -0.09 4.19
CA CYS C 95 -10.93 0.14 5.04
C CYS C 95 -10.77 1.53 5.65
N ALA C 96 -11.74 2.39 5.41
CA ALA C 96 -11.71 3.77 5.84
C ALA C 96 -12.92 4.04 6.73
N THR C 97 -12.67 4.68 7.85
CA THR C 97 -13.76 5.16 8.70
C THR C 97 -13.51 6.61 9.07
N TRP C 98 -14.57 7.41 9.04
CA TRP C 98 -14.44 8.82 9.36
C TRP C 98 -14.00 8.99 10.81
N ASP C 99 -13.01 9.84 11.02
CA ASP C 99 -12.57 10.24 12.34
C ASP C 99 -12.89 11.72 12.53
N ARG C 100 -12.68 12.21 13.74
CA ARG C 100 -13.02 13.60 14.04
C ARG C 100 -12.28 14.59 13.16
N PRO C 101 -10.96 14.53 12.99
CA PRO C 101 -10.29 15.48 12.10
C PRO C 101 -10.13 15.02 10.66
N SER C 102 -10.33 13.74 10.36
CA SER C 102 -9.99 13.18 9.06
C SER C 102 -10.79 11.90 8.84
N LYS C 103 -10.40 11.13 7.84
CA LYS C 103 -10.89 9.77 7.63
C LYS C 103 -9.73 8.82 7.82
N LEU C 104 -9.77 8.04 8.89
CA LEU C 104 -8.73 7.06 9.13
C LEU C 104 -8.78 5.96 8.07
N PHE C 105 -7.61 5.56 7.61
CA PHE C 105 -7.46 4.56 6.57
C PHE C 105 -6.66 3.38 7.10
N GLY C 106 -7.06 2.17 6.70
CA GLY C 106 -6.28 1.00 7.01
C GLY C 106 -4.97 1.00 6.24
N SER C 107 -4.11 0.04 6.63
CA SER C 107 -2.81 -0.06 5.96
C SER C 107 -2.95 -0.35 4.48
N GLY C 108 -4.03 -1.00 4.08
CA GLY C 108 -4.28 -1.23 2.67
C GLY C 108 -3.59 -2.48 2.15
N THR C 109 -4.35 -3.39 1.57
CA THR C 109 -3.81 -4.64 1.07
C THR C 109 -3.92 -4.66 -0.45
N THR C 110 -2.86 -5.10 -1.10
CA THR C 110 -2.84 -5.21 -2.56
C THR C 110 -3.43 -6.54 -2.97
N LEU C 111 -4.52 -6.49 -3.72
CA LEU C 111 -5.13 -7.67 -4.29
C LEU C 111 -4.72 -7.73 -5.76
N VAL C 112 -3.85 -8.70 -6.07
CA VAL C 112 -3.46 -8.97 -7.44
C VAL C 112 -4.19 -10.23 -7.90
N VAL C 113 -4.87 -10.14 -9.03
CA VAL C 113 -5.64 -11.24 -9.57
C VAL C 113 -4.84 -11.84 -10.71
N THR C 114 -4.39 -13.08 -10.53
CA THR C 114 -3.60 -13.79 -11.52
C THR C 114 -4.51 -14.50 -12.49
N ASP C 115 -3.94 -14.94 -13.62
CA ASP C 115 -4.71 -15.71 -14.58
C ASP C 115 -5.19 -17.03 -13.99
N LYS C 116 -4.36 -17.69 -13.19
CA LYS C 116 -4.70 -18.99 -12.63
C LYS C 116 -3.86 -19.30 -11.39
N LEU C 118 0.78 -17.52 -13.40
CA LEU C 118 1.51 -18.77 -13.23
C LEU C 118 1.39 -19.25 -11.78
N ASP C 119 1.33 -20.57 -11.61
CA ASP C 119 1.23 -21.19 -10.29
C ASP C 119 2.50 -22.00 -10.05
N ALA C 120 3.37 -21.47 -9.21
CA ALA C 120 4.62 -22.12 -8.85
C ALA C 120 4.99 -21.70 -7.44
N ASP C 121 6.19 -22.05 -7.01
CA ASP C 121 6.68 -21.59 -5.71
C ASP C 121 7.05 -20.11 -5.80
N VAL C 122 6.12 -19.24 -5.43
CA VAL C 122 6.30 -17.81 -5.58
C VAL C 122 6.76 -17.16 -4.28
N SER C 123 7.33 -17.94 -3.36
CA SER C 123 8.00 -17.37 -2.21
C SER C 123 9.24 -16.60 -2.68
N PRO C 124 9.66 -15.57 -1.95
CA PRO C 124 10.85 -14.81 -2.34
C PRO C 124 12.11 -15.61 -2.03
N LYS C 125 12.88 -15.91 -3.06
CA LYS C 125 14.10 -16.70 -2.88
C LYS C 125 15.22 -15.82 -2.33
N PRO C 126 15.75 -16.11 -1.14
CA PRO C 126 16.76 -15.24 -0.54
C PRO C 126 18.19 -15.55 -0.95
N THR C 127 18.85 -14.56 -1.55
CA THR C 127 20.28 -14.56 -1.80
C THR C 127 20.93 -13.56 -0.86
N ILE C 128 22.02 -13.95 -0.22
CA ILE C 128 22.63 -13.19 0.86
C ILE C 128 24.02 -12.77 0.42
N PHE C 129 24.36 -11.49 0.62
CA PHE C 129 25.65 -10.95 0.22
C PHE C 129 26.38 -10.46 1.46
N LEU C 130 27.11 -11.35 2.10
CA LEU C 130 27.94 -10.96 3.24
C LEU C 130 29.13 -10.17 2.74
N PRO C 131 29.35 -8.95 3.22
CA PRO C 131 30.50 -8.17 2.76
C PRO C 131 31.82 -8.82 3.15
N SER C 132 32.83 -8.58 2.32
CA SER C 132 34.17 -9.07 2.57
C SER C 132 34.88 -8.14 3.55
N ILE C 133 36.20 -8.30 3.67
CA ILE C 133 37.00 -7.46 4.55
C ILE C 133 37.34 -6.15 3.84
N ALA C 134 36.80 -5.96 2.63
CA ALA C 134 37.16 -4.80 1.82
C ALA C 134 36.71 -3.50 2.48
N GLU C 135 35.45 -3.43 2.91
CA GLU C 135 34.95 -2.18 3.48
C GLU C 135 35.57 -1.91 4.85
N THR C 136 35.80 -2.95 5.64
CA THR C 136 36.47 -2.76 6.93
C THR C 136 37.87 -2.20 6.74
N LYS C 137 38.53 -2.56 5.64
CA LYS C 137 39.84 -2.00 5.31
C LYS C 137 39.73 -0.58 4.77
N LEU C 138 38.69 -0.31 3.98
CA LEU C 138 38.61 0.97 3.27
C LEU C 138 38.06 2.08 4.17
N GLN C 139 36.82 1.94 4.64
CA GLN C 139 36.24 2.97 5.50
C GLN C 139 35.57 2.37 6.72
N LYS C 140 36.02 1.19 7.16
CA LYS C 140 35.53 0.47 8.33
C LYS C 140 34.01 0.55 8.48
N ALA C 141 33.29 0.43 7.36
CA ALA C 141 31.84 0.48 7.39
C ALA C 141 31.34 -0.29 6.17
N GLY C 142 30.90 -1.53 6.40
CA GLY C 142 30.40 -2.39 5.33
C GLY C 142 28.90 -2.29 5.16
N THR C 143 28.39 -3.14 4.28
CA THR C 143 26.95 -3.22 4.03
C THR C 143 26.56 -4.68 3.83
N TYR C 144 25.41 -5.04 4.37
CA TYR C 144 24.81 -6.35 4.17
C TYR C 144 23.64 -6.21 3.22
N LEU C 145 23.65 -6.99 2.14
CA LEU C 145 22.59 -6.86 1.11
C LEU C 145 21.88 -8.20 0.94
N CYS C 146 20.55 -8.18 1.04
CA CYS C 146 19.78 -9.42 0.83
C CYS C 146 18.90 -9.21 -0.40
N LEU C 147 18.92 -10.14 -1.36
CA LEU C 147 17.98 -9.99 -2.50
C LEU C 147 16.92 -11.06 -2.39
N LEU C 148 15.81 -10.86 -3.10
CA LEU C 148 14.75 -11.89 -3.12
C LEU C 148 14.32 -12.06 -4.57
N GLU C 149 14.55 -13.23 -5.13
CA GLU C 149 14.20 -13.46 -6.53
C GLU C 149 12.84 -14.14 -6.64
N LYS C 150 12.27 -14.01 -7.85
CA LYS C 150 11.12 -14.77 -8.35
C LYS C 150 10.05 -14.98 -7.28
N PHE C 151 9.52 -13.87 -6.79
CA PHE C 151 8.38 -13.89 -5.88
C PHE C 151 7.18 -13.24 -6.55
N PHE C 152 6.00 -13.72 -6.21
CA PHE C 152 4.76 -13.11 -6.65
C PHE C 152 3.85 -12.91 -5.43
N PRO C 153 3.25 -11.74 -5.27
CA PRO C 153 3.34 -10.57 -6.15
C PRO C 153 4.53 -9.69 -5.81
N ASP C 154 4.69 -8.59 -6.53
CA ASP C 154 5.77 -7.65 -6.25
C ASP C 154 5.63 -7.00 -4.89
N VAL C 155 4.43 -7.02 -4.30
CA VAL C 155 4.19 -6.38 -3.01
C VAL C 155 5.03 -7.09 -1.96
N ILE C 156 6.09 -6.44 -1.52
CA ILE C 156 7.00 -6.99 -0.53
C ILE C 156 7.45 -5.84 0.37
N LYS C 157 7.86 -6.18 1.58
CA LYS C 157 8.36 -5.19 2.52
C LYS C 157 9.65 -5.71 3.13
N ILE C 158 10.78 -5.19 2.69
CA ILE C 158 12.09 -5.62 3.15
C ILE C 158 12.61 -4.54 4.09
N HIS C 159 12.80 -4.88 5.36
CA HIS C 159 13.35 -3.91 6.29
C HIS C 159 14.19 -4.62 7.33
N TRP C 160 15.13 -3.90 7.90
CA TRP C 160 16.16 -4.50 8.75
C TRP C 160 16.00 -4.04 10.19
N GLN C 161 16.13 -4.99 11.12
CA GLN C 161 16.09 -4.70 12.55
C GLN C 161 17.31 -5.33 13.21
N GLU C 162 17.36 -5.23 14.53
CA GLU C 162 18.41 -5.82 15.35
C GLU C 162 17.86 -6.98 16.16
N LYS C 163 18.78 -7.78 16.71
CA LYS C 163 18.39 -8.85 17.62
C LYS C 163 17.72 -8.30 18.87
N LYS C 164 18.26 -7.22 19.43
CA LYS C 164 17.84 -6.70 20.72
C LYS C 164 16.69 -5.71 20.63
N SER C 165 16.21 -5.39 19.44
CA SER C 165 15.17 -4.37 19.31
C SER C 165 14.35 -4.63 18.05
N ASN C 166 13.10 -4.18 18.11
CA ASN C 166 12.21 -4.17 16.95
C ASN C 166 12.29 -2.86 16.17
N THR C 167 13.36 -2.10 16.36
CA THR C 167 13.53 -0.83 15.68
C THR C 167 13.75 -1.05 14.18
N ILE C 168 12.98 -0.33 13.36
CA ILE C 168 13.12 -0.40 11.91
C ILE C 168 14.37 0.41 11.54
N LEU C 169 15.49 -0.27 11.36
CA LEU C 169 16.74 0.40 11.02
C LEU C 169 16.65 1.00 9.63
N GLY C 170 17.19 2.20 9.48
CA GLY C 170 17.23 2.85 8.19
C GLY C 170 18.09 2.08 7.21
N SER C 171 17.45 1.42 6.25
CA SER C 171 18.14 0.55 5.31
C SER C 171 17.76 0.95 3.89
N GLN C 172 18.77 1.11 3.05
CA GLN C 172 18.53 1.45 1.66
C GLN C 172 17.83 0.30 0.94
N GLU C 173 16.82 0.65 0.15
CA GLU C 173 15.96 -0.33 -0.50
C GLU C 173 15.90 -0.01 -1.99
N GLY C 174 16.37 -0.95 -2.81
CA GLY C 174 16.25 -0.81 -4.24
C GLY C 174 14.84 -1.09 -4.72
N ASN C 175 14.63 -0.89 -6.02
CA ASN C 175 13.31 -1.08 -6.58
C ASN C 175 13.07 -2.57 -6.87
N THR C 176 11.82 -2.87 -7.23
CA THR C 176 11.41 -4.21 -7.61
C THR C 176 11.35 -4.31 -9.13
N MET C 177 11.90 -5.39 -9.67
CA MET C 177 12.03 -5.56 -11.11
C MET C 177 11.46 -6.91 -11.52
N LYS C 178 10.61 -6.89 -12.55
CA LYS C 178 10.02 -8.12 -13.04
C LYS C 178 11.06 -8.94 -13.79
N THR C 179 11.21 -10.21 -13.43
CA THR C 179 12.20 -11.05 -14.09
C THR C 179 11.67 -11.59 -15.41
N ASN C 180 10.68 -12.48 -15.35
CA ASN C 180 9.89 -12.86 -16.51
C ASN C 180 8.41 -12.63 -16.29
N ASP C 181 7.86 -13.19 -15.21
CA ASP C 181 6.54 -12.84 -14.70
C ASP C 181 6.52 -12.63 -13.20
N THR C 182 7.52 -13.13 -12.46
CA THR C 182 7.67 -12.86 -11.05
C THR C 182 8.57 -11.63 -10.88
N TYR C 183 9.03 -11.38 -9.66
CA TYR C 183 9.74 -10.15 -9.35
C TYR C 183 10.96 -10.43 -8.50
N MET C 184 11.90 -9.49 -8.51
CA MET C 184 13.10 -9.56 -7.69
C MET C 184 13.32 -8.20 -7.05
N LYS C 185 13.82 -8.20 -5.83
CA LYS C 185 14.01 -6.96 -5.07
C LYS C 185 15.10 -7.17 -4.05
N PHE C 186 15.98 -6.18 -3.91
CA PHE C 186 17.09 -6.27 -2.97
C PHE C 186 17.09 -5.06 -2.04
N SER C 187 17.75 -5.23 -0.90
CA SER C 187 17.88 -4.17 0.09
C SER C 187 19.22 -4.34 0.80
N TRP C 188 19.92 -3.24 0.99
CA TRP C 188 21.18 -3.28 1.72
C TRP C 188 21.13 -2.29 2.87
N LEU C 189 21.82 -2.67 3.95
CA LEU C 189 21.98 -1.84 5.12
C LEU C 189 23.45 -1.66 5.41
N THR C 190 23.88 -0.43 5.61
CA THR C 190 25.27 -0.12 5.92
C THR C 190 25.42 0.01 7.43
N VAL C 191 26.28 -0.83 8.00
CA VAL C 191 26.56 -0.73 9.44
C VAL C 191 27.41 0.50 9.70
N PRO C 192 27.06 1.36 10.68
CA PRO C 192 27.85 2.53 11.00
C PRO C 192 29.26 2.17 11.45
N ASP C 197 29.68 -6.53 12.39
CA ASP C 197 29.59 -5.83 13.67
C ASP C 197 28.61 -6.51 14.60
N LYS C 198 27.34 -6.55 14.21
CA LYS C 198 26.28 -7.18 14.98
C LYS C 198 25.47 -8.08 14.06
N GLU C 199 24.41 -8.67 14.60
CA GLU C 199 23.53 -9.56 13.85
C GLU C 199 22.30 -8.76 13.44
N HIS C 200 22.43 -8.03 12.33
CA HIS C 200 21.34 -7.22 11.81
C HIS C 200 20.44 -8.08 10.93
N ARG C 201 19.23 -8.34 11.40
CA ARG C 201 18.31 -9.23 10.70
C ARG C 201 17.54 -8.48 9.63
N CYS C 202 17.20 -9.20 8.56
CA CYS C 202 16.44 -8.64 7.44
C CYS C 202 15.09 -9.34 7.37
N ILE C 203 14.04 -8.64 7.77
CA ILE C 203 12.69 -9.17 7.74
C ILE C 203 12.07 -8.86 6.39
N VAL C 204 11.51 -9.90 5.77
CA VAL C 204 10.85 -9.80 4.48
C VAL C 204 9.37 -10.13 4.71
N ARG C 205 8.51 -9.15 4.49
CA ARG C 205 7.07 -9.34 4.58
C ARG C 205 6.59 -9.63 3.16
N HIS C 206 6.16 -10.87 2.93
CA HIS C 206 5.57 -11.25 1.66
C HIS C 206 4.41 -12.19 1.94
N GLU C 207 3.45 -12.20 1.01
CA GLU C 207 2.29 -13.07 1.18
C GLU C 207 2.71 -14.54 1.18
N ASN C 208 3.46 -14.95 0.17
CA ASN C 208 3.91 -16.33 0.02
C ASN C 208 5.22 -16.50 0.77
N ASN C 209 5.17 -17.18 1.90
CA ASN C 209 6.34 -17.40 2.74
C ASN C 209 6.27 -18.83 3.26
N LYS C 210 7.11 -19.15 4.24
CA LYS C 210 7.13 -20.46 4.86
C LYS C 210 6.30 -20.45 6.14
N ASN C 211 5.39 -21.41 6.25
CA ASN C 211 4.52 -21.57 7.41
C ASN C 211 3.66 -20.34 7.68
N GLY C 212 3.35 -19.57 6.64
CA GLY C 212 2.48 -18.40 6.79
C GLY C 212 3.12 -17.16 7.36
N VAL C 213 3.96 -17.32 8.38
CA VAL C 213 4.63 -16.17 8.99
C VAL C 213 5.56 -15.52 7.98
N ASP C 214 5.86 -14.24 8.22
CA ASP C 214 6.73 -13.51 7.30
C ASP C 214 8.15 -14.08 7.33
N GLN C 215 8.86 -13.88 6.23
CA GLN C 215 10.21 -14.39 6.10
C GLN C 215 11.19 -13.53 6.89
N GLU C 216 12.31 -14.14 7.26
CA GLU C 216 13.33 -13.49 8.06
C GLU C 216 14.68 -14.09 7.70
N ILE C 217 15.69 -13.24 7.60
CA ILE C 217 17.03 -13.66 7.21
C ILE C 217 18.02 -13.17 8.25
N ILE C 218 18.88 -14.08 8.71
CA ILE C 218 19.98 -13.75 9.61
C ILE C 218 21.14 -13.18 8.81
N PHE C 219 21.84 -12.21 9.41
CA PHE C 219 23.07 -11.70 8.81
C PHE C 219 24.18 -11.67 9.85
N PRO C 220 24.89 -12.77 10.05
CA PRO C 220 25.97 -12.79 11.03
C PRO C 220 27.16 -11.96 10.55
N PRO C 221 28.00 -11.47 11.49
CA PRO C 221 29.20 -10.68 11.17
C PRO C 221 30.14 -11.39 10.20
#